data_1W93
#
_entry.id   1W93
#
_cell.length_a   101.740
_cell.length_b   101.740
_cell.length_c   145.830
_cell.angle_alpha   90.00
_cell.angle_beta   90.00
_cell.angle_gamma   120.00
#
_symmetry.space_group_name_H-M   'P 62'
#
loop_
_entity.id
_entity.type
_entity.pdbx_description
1 polymer 'ACETYL-COENZYME A CARBOXYLASE'
2 water water
#
_entity_poly.entity_id   1
_entity_poly.type   'polypeptide(L)'
_entity_poly.pdbx_seq_one_letter_code
;MEYEITNYSERHTELPGHFIGLNTVDKLEESPLRDFVKSHGGHTVISKILIANNGIAAVKEIRSVRKWAYETFGDDRTVQ
FVAMATPEDLEANAEYIRMADQYIEVPGGTNNNNYANVDLIVDIAERADVDAVWAGWGHASENPLLPEKLSQSKRKVIFI
GPPGNAMRSLGDKISSTIVAQSAKVPCIPWSGTGVDTVHVDEKTGLVSVDDDIYQKGCCTSPEDGLQKAKRIGFPVMIKA
SEGGGGKGIRQVEREEDFIALYHQAANEIPGSPIFIMKLAGRARHLEVQLLADQYGTNISLFGRDCSVQRRHQKIIEEAP
VTIAKAETFHEMEKAAVRLGKLVGYVSAGTVEYLYSHDDGKFYFLELNPRLQVEHPTTEMVSGVNLPAAQLQIAMGIPMH
RISDIRTLYGMNPHSASEIDFEFKTQDATKKQRRPIPKGHCTACRITSEDPNDGFKPSGGTLHELNFRSSSNVWGYFSVG
NNGNIHSFSDSQFGHIFAFGENRQASRKHMVVALKELSIRGDFRTTVEYLIKLLETEDFEDNTITTGWLDDLI
;
_entity_poly.pdbx_strand_id   A
#
# COMPACT_ATOMS: atom_id res chain seq x y z
N MET A 1 30.25 -18.75 -3.24
CA MET A 1 29.72 -18.25 -4.55
C MET A 1 30.22 -16.83 -4.81
N GLU A 2 29.65 -16.15 -5.81
CA GLU A 2 30.09 -14.81 -6.13
C GLU A 2 29.27 -14.15 -7.22
N TYR A 3 28.78 -12.94 -6.92
CA TYR A 3 27.94 -12.19 -7.84
C TYR A 3 28.62 -11.04 -8.60
N GLU A 4 27.95 -10.59 -9.65
CA GLU A 4 28.41 -9.46 -10.45
C GLU A 4 28.43 -8.28 -9.48
N ILE A 5 29.28 -7.29 -9.75
CA ILE A 5 29.38 -6.15 -8.84
C ILE A 5 28.77 -4.81 -9.26
N THR A 6 28.24 -4.13 -8.25
CA THR A 6 27.66 -2.80 -8.38
C THR A 6 28.27 -1.95 -7.24
N ASN A 7 28.91 -0.85 -7.61
CA ASN A 7 29.54 0.05 -6.63
C ASN A 7 28.80 1.39 -6.49
N TYR A 8 27.85 1.43 -5.58
CA TYR A 8 27.08 2.65 -5.30
C TYR A 8 27.54 3.19 -3.96
N SER A 9 28.86 3.18 -3.73
CA SER A 9 29.42 3.70 -2.48
C SER A 9 29.36 5.22 -2.50
N GLU A 10 29.04 5.77 -3.68
CA GLU A 10 28.93 7.20 -3.85
C GLU A 10 27.61 7.68 -3.22
N ARG A 11 26.53 7.38 -3.92
CA ARG A 11 25.17 7.73 -3.54
C ARG A 11 24.76 7.55 -2.07
N HIS A 12 25.40 6.62 -1.37
CA HIS A 12 25.07 6.37 0.02
C HIS A 12 25.26 7.61 0.91
N THR A 13 26.28 8.39 0.59
CA THR A 13 26.59 9.59 1.34
C THR A 13 25.41 10.55 1.42
N GLU A 14 24.89 10.90 0.25
CA GLU A 14 23.74 11.81 0.14
C GLU A 14 22.48 11.15 0.71
N LEU A 15 22.61 9.89 1.11
CA LEU A 15 21.46 9.17 1.67
C LEU A 15 21.19 9.49 3.12
N PRO A 16 19.97 9.91 3.44
CA PRO A 16 19.61 10.25 4.82
C PRO A 16 20.29 9.26 5.77
N GLY A 17 20.90 9.80 6.84
CA GLY A 17 21.59 8.96 7.80
C GLY A 17 20.67 7.93 8.40
N HIS A 18 19.37 8.13 8.25
CA HIS A 18 18.41 7.22 8.82
C HIS A 18 18.11 6.04 7.90
N PHE A 19 18.84 5.97 6.79
CA PHE A 19 18.68 4.87 5.85
C PHE A 19 19.80 3.88 6.10
N ILE A 20 20.96 4.42 6.46
CA ILE A 20 22.14 3.60 6.76
C ILE A 20 21.93 3.01 8.14
N GLY A 21 22.03 1.68 8.22
CA GLY A 21 21.85 0.99 9.48
C GLY A 21 23.15 0.55 10.11
N LEU A 22 23.17 0.56 11.43
CA LEU A 22 24.34 0.18 12.23
C LEU A 22 25.21 -0.89 11.60
N ASN A 23 24.68 -2.10 11.47
CA ASN A 23 25.44 -3.20 10.89
C ASN A 23 25.57 -3.08 9.36
N THR A 24 26.42 -2.14 8.95
CA THR A 24 26.72 -1.88 7.55
C THR A 24 27.62 -3.01 7.06
N VAL A 25 27.67 -3.23 5.75
CA VAL A 25 28.49 -4.31 5.20
C VAL A 25 29.98 -3.97 5.16
N ASP A 26 30.34 -2.79 5.65
CA ASP A 26 31.74 -2.39 5.64
C ASP A 26 32.45 -2.69 6.96
N LYS A 27 31.71 -3.24 7.92
CA LYS A 27 32.26 -3.54 9.24
C LYS A 27 31.87 -4.92 9.75
N LEU A 28 31.47 -5.80 8.84
CA LEU A 28 31.08 -7.14 9.22
C LEU A 28 32.01 -8.21 8.68
N GLU A 29 32.32 -9.19 9.53
CA GLU A 29 33.18 -10.30 9.15
C GLU A 29 32.55 -10.83 7.87
N GLU A 30 33.36 -11.20 6.88
CA GLU A 30 32.78 -11.69 5.63
C GLU A 30 31.67 -12.71 5.91
N SER A 31 30.64 -12.69 5.07
CA SER A 31 29.50 -13.61 5.23
C SER A 31 28.50 -13.58 4.07
N PRO A 32 27.97 -14.76 3.68
CA PRO A 32 27.01 -14.90 2.59
C PRO A 32 26.18 -13.65 2.28
N LEU A 33 25.20 -13.36 3.12
CA LEU A 33 24.34 -12.20 2.94
C LEU A 33 25.16 -10.92 2.94
N ARG A 34 26.35 -10.98 3.53
CA ARG A 34 27.21 -9.81 3.57
C ARG A 34 27.89 -9.69 2.20
N ASP A 35 27.75 -10.73 1.39
CA ASP A 35 28.33 -10.75 0.07
C ASP A 35 27.22 -10.53 -0.96
N PHE A 36 26.03 -11.04 -0.67
CA PHE A 36 24.92 -10.84 -1.59
C PHE A 36 24.56 -9.35 -1.57
N VAL A 37 24.73 -8.69 -0.43
CA VAL A 37 24.41 -7.26 -0.37
C VAL A 37 25.45 -6.43 -1.07
N LYS A 38 26.61 -6.34 -0.42
CA LYS A 38 27.75 -5.59 -0.93
C LYS A 38 27.86 -5.60 -2.44
N SER A 39 28.14 -6.76 -3.01
CA SER A 39 28.27 -6.91 -4.45
C SER A 39 27.20 -6.16 -5.22
N HIS A 40 25.93 -6.45 -4.90
CA HIS A 40 24.80 -5.81 -5.56
C HIS A 40 24.68 -4.30 -5.32
N GLY A 41 25.31 -3.77 -4.27
CA GLY A 41 25.23 -2.33 -4.05
C GLY A 41 24.65 -1.76 -2.76
N GLY A 42 23.94 -2.58 -1.98
CA GLY A 42 23.36 -2.09 -0.76
C GLY A 42 24.37 -1.64 0.27
N HIS A 43 23.89 -1.02 1.35
CA HIS A 43 24.80 -0.58 2.41
C HIS A 43 24.65 -1.35 3.72
N THR A 44 23.42 -1.46 4.23
CA THR A 44 23.15 -2.17 5.49
C THR A 44 22.67 -3.59 5.26
N VAL A 45 22.95 -4.46 6.22
CA VAL A 45 22.49 -5.83 6.12
C VAL A 45 21.49 -6.04 7.24
N ILE A 46 20.40 -6.70 6.92
CA ILE A 46 19.41 -6.95 7.92
C ILE A 46 19.42 -8.44 8.15
N SER A 47 19.56 -8.85 9.41
CA SER A 47 19.58 -10.25 9.74
C SER A 47 18.36 -10.62 10.57
N LYS A 48 17.98 -9.75 11.50
CA LYS A 48 16.83 -9.97 12.38
C LYS A 48 15.75 -8.94 12.06
N ILE A 49 14.49 -9.39 12.05
CA ILE A 49 13.37 -8.51 11.73
C ILE A 49 12.21 -8.65 12.68
N LEU A 50 11.66 -7.51 13.06
CA LEU A 50 10.53 -7.44 13.98
C LEU A 50 9.27 -7.17 13.16
N ILE A 51 8.23 -7.95 13.43
CA ILE A 51 6.98 -7.85 12.72
C ILE A 51 5.90 -7.09 13.51
N ALA A 52 5.86 -5.77 13.32
CA ALA A 52 4.90 -4.91 13.99
C ALA A 52 3.52 -5.11 13.39
N ASN A 53 3.04 -6.34 13.52
CA ASN A 53 1.73 -6.71 13.00
C ASN A 53 1.57 -8.22 13.20
N ASN A 54 0.34 -8.71 13.03
CA ASN A 54 0.06 -10.13 13.19
C ASN A 54 -0.64 -10.73 11.96
N GLY A 55 -1.45 -11.75 12.21
CA GLY A 55 -2.22 -12.44 11.18
C GLY A 55 -1.56 -12.71 9.84
N ILE A 56 -2.41 -12.98 8.84
CA ILE A 56 -1.95 -13.24 7.47
C ILE A 56 -0.86 -12.23 7.08
N ALA A 57 -1.06 -10.98 7.49
CA ALA A 57 -0.09 -9.93 7.21
C ALA A 57 1.29 -10.39 7.66
N ALA A 58 1.37 -10.81 8.91
CA ALA A 58 2.62 -11.26 9.50
C ALA A 58 3.12 -12.58 8.93
N VAL A 59 2.23 -13.38 8.35
CA VAL A 59 2.62 -14.67 7.74
C VAL A 59 3.04 -14.42 6.29
N LYS A 60 2.68 -13.26 5.77
CA LYS A 60 2.99 -12.92 4.39
C LYS A 60 4.42 -12.37 4.30
N GLU A 61 4.91 -11.75 5.37
CA GLU A 61 6.26 -11.20 5.41
C GLU A 61 7.22 -12.36 5.53
N ILE A 62 6.76 -13.41 6.20
CA ILE A 62 7.57 -14.59 6.40
C ILE A 62 7.69 -15.38 5.09
N ARG A 63 6.69 -16.19 4.77
CA ARG A 63 6.70 -16.98 3.54
C ARG A 63 7.42 -16.24 2.41
N SER A 64 7.24 -14.92 2.38
CA SER A 64 7.86 -14.10 1.34
C SER A 64 9.36 -13.93 1.50
N VAL A 65 9.80 -13.52 2.68
CA VAL A 65 11.22 -13.33 2.92
C VAL A 65 11.97 -14.66 3.06
N ARG A 66 11.23 -15.72 3.32
CA ARG A 66 11.84 -17.04 3.46
C ARG A 66 11.89 -17.71 2.09
N LYS A 67 11.03 -17.27 1.18
CA LYS A 67 11.02 -17.79 -0.18
C LYS A 67 12.27 -17.21 -0.87
N TRP A 68 12.25 -15.91 -1.12
CA TRP A 68 13.38 -15.23 -1.76
C TRP A 68 14.71 -15.77 -1.24
N ALA A 69 14.90 -15.70 0.06
CA ALA A 69 16.12 -16.15 0.71
C ALA A 69 16.47 -17.60 0.37
N TYR A 70 15.54 -18.52 0.55
CA TYR A 70 15.84 -19.92 0.25
C TYR A 70 16.24 -20.01 -1.23
N GLU A 71 15.62 -19.18 -2.06
CA GLU A 71 15.94 -19.17 -3.49
C GLU A 71 17.29 -18.51 -3.65
N THR A 72 17.57 -17.55 -2.78
CA THR A 72 18.84 -16.83 -2.87
C THR A 72 20.03 -17.64 -2.37
N PHE A 73 20.38 -17.47 -1.10
CA PHE A 73 21.49 -18.17 -0.49
C PHE A 73 21.00 -19.49 0.09
N GLY A 74 19.75 -19.80 -0.20
CA GLY A 74 19.16 -21.03 0.29
C GLY A 74 19.25 -21.12 1.80
N ASP A 75 18.21 -20.66 2.47
CA ASP A 75 18.13 -20.66 3.94
C ASP A 75 16.89 -19.86 4.35
N ASP A 76 15.82 -20.57 4.68
CA ASP A 76 14.57 -19.92 5.07
C ASP A 76 14.67 -19.37 6.50
N ARG A 77 15.89 -19.05 6.91
CA ARG A 77 16.14 -18.48 8.23
C ARG A 77 17.30 -17.52 8.13
N THR A 78 17.77 -17.34 6.89
CA THR A 78 18.85 -16.41 6.62
C THR A 78 18.43 -15.14 7.34
N VAL A 79 17.30 -14.60 6.94
CA VAL A 79 16.80 -13.39 7.55
C VAL A 79 15.83 -13.73 8.70
N GLN A 80 16.37 -13.76 9.91
CA GLN A 80 15.59 -14.08 11.12
C GLN A 80 14.31 -13.24 11.28
N PHE A 81 13.47 -13.63 12.23
CA PHE A 81 12.21 -12.94 12.47
C PHE A 81 11.71 -12.93 13.92
N VAL A 82 11.70 -11.75 14.55
CA VAL A 82 11.19 -11.65 15.92
C VAL A 82 9.76 -11.08 15.81
N ALA A 83 8.81 -11.81 16.38
CA ALA A 83 7.43 -11.37 16.33
C ALA A 83 6.95 -10.92 17.69
N MET A 84 5.87 -10.17 17.67
CA MET A 84 5.23 -9.66 18.89
C MET A 84 4.03 -10.56 19.13
N ALA A 85 3.90 -11.09 20.34
CA ALA A 85 2.77 -11.97 20.62
C ALA A 85 1.81 -11.45 21.69
N THR A 86 0.65 -10.98 21.24
CA THR A 86 -0.35 -10.46 22.15
C THR A 86 -1.22 -11.55 22.77
N PRO A 87 -1.36 -11.55 24.10
CA PRO A 87 -2.15 -12.51 24.88
C PRO A 87 -3.17 -13.31 24.06
N GLU A 88 -4.25 -12.65 23.65
CA GLU A 88 -5.32 -13.27 22.88
C GLU A 88 -4.81 -14.08 21.70
N ASP A 89 -3.70 -13.67 21.11
CA ASP A 89 -3.13 -14.38 19.99
C ASP A 89 -2.49 -15.69 20.42
N LEU A 90 -1.99 -15.73 21.65
CA LEU A 90 -1.37 -16.94 22.17
C LEU A 90 -2.45 -17.97 22.49
N GLU A 91 -3.65 -17.47 22.75
CA GLU A 91 -4.80 -18.30 23.08
C GLU A 91 -5.54 -18.67 21.79
N ALA A 92 -4.91 -18.37 20.66
CA ALA A 92 -5.50 -18.68 19.36
C ALA A 92 -4.46 -19.44 18.55
N ASN A 93 -3.29 -19.62 19.14
CA ASN A 93 -2.18 -20.31 18.50
C ASN A 93 -1.91 -19.82 17.08
N ALA A 94 -1.84 -18.50 16.91
CA ALA A 94 -1.56 -17.91 15.60
C ALA A 94 -0.44 -18.68 14.91
N GLU A 95 -0.75 -19.21 13.73
CA GLU A 95 0.21 -20.00 12.97
C GLU A 95 1.42 -19.18 12.54
N TYR A 96 1.45 -17.90 12.88
CA TYR A 96 2.56 -17.07 12.49
C TYR A 96 3.55 -16.92 13.64
N ILE A 97 3.02 -16.65 14.84
CA ILE A 97 3.86 -16.51 16.02
C ILE A 97 4.59 -17.83 16.11
N ARG A 98 4.06 -18.80 15.39
CA ARG A 98 4.60 -20.15 15.34
C ARG A 98 5.69 -20.24 14.30
N MET A 99 5.51 -19.55 13.18
CA MET A 99 6.47 -19.56 12.08
C MET A 99 7.74 -18.76 12.32
N ALA A 100 7.66 -17.72 13.14
CA ALA A 100 8.81 -16.89 13.46
C ALA A 100 9.99 -17.76 13.88
N ASP A 101 11.06 -17.14 14.35
CA ASP A 101 12.24 -17.88 14.79
C ASP A 101 12.41 -17.64 16.27
N GLN A 102 11.47 -16.88 16.83
CA GLN A 102 11.47 -16.51 18.24
C GLN A 102 10.54 -15.31 18.36
N TYR A 103 10.18 -14.96 19.58
CA TYR A 103 9.30 -13.83 19.76
C TYR A 103 9.28 -13.36 21.20
N ILE A 104 8.68 -12.21 21.44
CA ILE A 104 8.59 -11.63 22.76
C ILE A 104 7.13 -11.36 23.09
N GLU A 105 6.64 -11.99 24.16
CA GLU A 105 5.25 -11.81 24.60
C GLU A 105 4.98 -10.32 24.87
N VAL A 106 4.07 -9.74 24.10
CA VAL A 106 3.70 -8.32 24.24
C VAL A 106 2.31 -8.11 24.88
N PRO A 107 2.01 -6.85 25.32
CA PRO A 107 0.79 -6.38 25.98
C PRO A 107 -0.50 -6.53 25.18
N GLY A 108 -1.55 -7.01 25.86
CA GLY A 108 -2.84 -7.20 25.23
C GLY A 108 -3.76 -5.99 25.25
N GLY A 109 -5.07 -6.23 25.09
CA GLY A 109 -6.03 -5.14 25.10
C GLY A 109 -6.35 -4.55 23.74
N THR A 110 -6.55 -3.24 23.71
CA THR A 110 -6.82 -2.55 22.44
C THR A 110 -5.47 -2.40 21.75
N ASN A 111 -5.43 -2.65 20.43
CA ASN A 111 -4.15 -2.59 19.71
C ASN A 111 -3.27 -1.40 20.07
N ASN A 112 -3.87 -0.32 20.56
CA ASN A 112 -3.09 0.87 20.93
C ASN A 112 -2.18 0.48 22.09
N ASN A 113 -2.24 -0.81 22.43
CA ASN A 113 -1.48 -1.38 23.52
C ASN A 113 -0.47 -2.44 23.01
N ASN A 114 0.19 -2.18 21.89
CA ASN A 114 1.15 -3.16 21.34
C ASN A 114 1.66 -2.86 19.93
N TYR A 115 0.86 -3.28 18.96
CA TYR A 115 1.16 -3.11 17.55
C TYR A 115 1.22 -1.66 17.15
N ALA A 116 0.08 -0.99 17.15
CA ALA A 116 0.03 0.43 16.79
C ALA A 116 0.85 1.22 17.82
N ASN A 117 1.17 0.59 18.94
CA ASN A 117 2.00 1.28 19.93
C ASN A 117 3.27 1.60 19.12
N VAL A 118 4.09 2.55 19.60
CA VAL A 118 5.30 2.92 18.87
C VAL A 118 6.57 2.81 19.71
N ASP A 119 6.50 3.18 20.98
CA ASP A 119 7.64 3.12 21.88
C ASP A 119 7.87 1.66 22.27
N LEU A 120 6.77 0.93 22.40
CA LEU A 120 6.81 -0.48 22.76
C LEU A 120 7.45 -1.25 21.61
N ILE A 121 7.03 -0.91 20.39
CA ILE A 121 7.52 -1.55 19.19
C ILE A 121 9.04 -1.43 19.10
N VAL A 122 9.55 -0.25 19.39
CA VAL A 122 10.97 0.02 19.32
C VAL A 122 11.70 -0.46 20.56
N ASP A 123 11.04 -0.37 21.71
CA ASP A 123 11.67 -0.85 22.95
C ASP A 123 12.01 -2.30 22.67
N ILE A 124 11.01 -3.05 22.23
CA ILE A 124 11.19 -4.45 21.90
C ILE A 124 12.29 -4.50 20.87
N ALA A 125 12.18 -3.65 19.86
CA ALA A 125 13.16 -3.57 18.80
C ALA A 125 14.55 -3.40 19.41
N GLU A 126 14.64 -2.54 20.41
CA GLU A 126 15.91 -2.31 21.07
C GLU A 126 16.28 -3.54 21.88
N ARG A 127 15.26 -4.24 22.38
CA ARG A 127 15.49 -5.44 23.16
C ARG A 127 15.94 -6.60 22.30
N ALA A 128 15.11 -7.02 21.35
CA ALA A 128 15.42 -8.14 20.45
C ALA A 128 16.82 -8.01 19.86
N ASP A 129 17.13 -6.81 19.35
CA ASP A 129 18.42 -6.48 18.74
C ASP A 129 18.33 -6.40 17.22
N VAL A 130 17.09 -6.34 16.73
CA VAL A 130 16.78 -6.27 15.32
C VAL A 130 17.56 -5.23 14.52
N ASP A 131 17.58 -5.44 13.21
CA ASP A 131 18.24 -4.50 12.32
C ASP A 131 17.13 -3.62 11.78
N ALA A 132 16.02 -4.25 11.45
CA ALA A 132 14.88 -3.54 10.89
C ALA A 132 13.53 -4.02 11.40
N VAL A 133 12.54 -3.16 11.20
CA VAL A 133 11.17 -3.43 11.60
C VAL A 133 10.32 -3.40 10.32
N TRP A 134 9.11 -3.93 10.44
CA TRP A 134 8.16 -3.99 9.34
C TRP A 134 6.75 -3.99 9.93
N ALA A 135 5.87 -3.16 9.37
CA ALA A 135 4.50 -3.09 9.87
C ALA A 135 3.48 -3.51 8.82
N GLY A 136 3.95 -3.70 7.58
CA GLY A 136 3.06 -4.10 6.51
C GLY A 136 1.95 -3.14 6.20
N TRP A 137 0.89 -3.19 7.01
CA TRP A 137 -0.26 -2.32 6.83
C TRP A 137 -1.17 -2.34 8.06
N GLY A 138 -1.85 -1.23 8.30
CA GLY A 138 -2.72 -1.15 9.46
C GLY A 138 -1.87 -0.85 10.68
N HIS A 139 -2.47 -0.87 11.87
CA HIS A 139 -1.71 -0.58 13.07
C HIS A 139 -0.86 0.67 12.80
N ALA A 140 0.38 0.69 13.29
CA ALA A 140 1.28 1.83 13.10
C ALA A 140 1.89 1.89 11.69
N SER A 141 1.36 1.10 10.77
CA SER A 141 1.86 1.09 9.40
C SER A 141 1.93 2.49 8.77
N GLU A 142 1.04 3.38 9.18
CA GLU A 142 0.99 4.73 8.62
C GLU A 142 1.72 5.81 9.41
N ASN A 143 1.70 5.69 10.73
CA ASN A 143 2.35 6.66 11.59
C ASN A 143 3.79 6.85 11.11
N PRO A 144 4.16 8.09 10.77
CA PRO A 144 5.54 8.31 10.31
C PRO A 144 6.53 8.42 11.47
N LEU A 145 6.01 8.56 12.67
CA LEU A 145 6.87 8.65 13.85
C LEU A 145 7.46 7.28 14.11
N LEU A 146 6.87 6.23 13.52
CA LEU A 146 7.37 4.88 13.75
C LEU A 146 8.78 4.66 13.28
N PRO A 147 9.08 4.96 12.01
CA PRO A 147 10.44 4.78 11.49
C PRO A 147 11.36 5.89 11.97
N GLU A 148 10.79 7.10 12.03
CA GLU A 148 11.52 8.27 12.49
C GLU A 148 12.11 8.06 13.88
N LYS A 149 11.50 7.18 14.66
CA LYS A 149 11.97 6.87 16.01
C LYS A 149 12.68 5.53 16.04
N LEU A 150 12.58 4.77 14.96
CA LEU A 150 13.22 3.46 14.89
C LEU A 150 14.71 3.56 14.62
N SER A 151 15.12 4.49 13.77
CA SER A 151 16.53 4.70 13.46
C SER A 151 17.06 5.72 14.47
N GLN A 152 16.12 6.37 15.14
CA GLN A 152 16.36 7.39 16.15
C GLN A 152 16.69 6.69 17.47
N SER A 153 17.53 5.68 17.39
CA SER A 153 17.92 4.92 18.58
C SER A 153 19.40 4.61 18.49
N LYS A 154 19.99 4.10 19.57
CA LYS A 154 21.40 3.74 19.60
C LYS A 154 21.58 2.37 18.96
N ARG A 155 20.53 1.90 18.29
CA ARG A 155 20.54 0.59 17.64
C ARG A 155 20.26 0.76 16.15
N LYS A 156 19.96 1.99 15.75
CA LYS A 156 19.68 2.31 14.35
C LYS A 156 18.79 1.27 13.67
N VAL A 157 17.60 1.03 14.21
CA VAL A 157 16.68 0.05 13.62
C VAL A 157 16.11 0.57 12.31
N ILE A 158 16.60 0.03 11.19
CA ILE A 158 16.12 0.47 9.88
C ILE A 158 14.63 0.21 9.80
N PHE A 159 13.98 0.71 8.76
CA PHE A 159 12.54 0.47 8.61
C PHE A 159 12.11 -0.05 7.25
N ILE A 160 11.75 -1.33 7.21
CA ILE A 160 11.30 -1.95 5.98
C ILE A 160 9.96 -1.32 5.62
N GLY A 161 10.04 -0.15 4.99
CA GLY A 161 8.84 0.56 4.58
C GLY A 161 9.19 1.99 4.24
N PRO A 162 8.18 2.82 3.93
CA PRO A 162 8.46 4.20 3.61
C PRO A 162 8.96 5.03 4.79
N PRO A 163 9.97 5.89 4.54
CA PRO A 163 10.52 6.73 5.59
C PRO A 163 9.47 7.68 6.13
N GLY A 164 9.49 7.90 7.45
CA GLY A 164 8.54 8.80 8.06
C GLY A 164 8.44 10.12 7.33
N ASN A 165 9.57 10.63 6.85
CA ASN A 165 9.58 11.89 6.12
C ASN A 165 8.75 11.79 4.85
N ALA A 166 8.61 10.58 4.34
CA ALA A 166 7.82 10.37 3.14
C ALA A 166 6.38 10.70 3.48
N MET A 167 5.99 10.32 4.69
CA MET A 167 4.63 10.50 5.21
C MET A 167 4.31 11.96 5.56
N ARG A 168 5.04 12.52 6.52
CA ARG A 168 4.84 13.93 6.94
C ARG A 168 4.74 14.85 5.73
N SER A 169 5.19 14.38 4.58
CA SER A 169 5.16 15.17 3.36
C SER A 169 3.80 15.08 2.69
N LEU A 170 2.93 14.25 3.26
CA LEU A 170 1.56 14.09 2.76
C LEU A 170 0.75 15.25 3.30
N GLY A 171 0.12 15.01 4.45
CA GLY A 171 -0.69 16.05 5.09
C GLY A 171 -2.19 16.05 4.85
N ASP A 172 -2.88 17.00 5.47
CA ASP A 172 -4.33 17.08 5.32
C ASP A 172 -4.75 17.04 3.86
N LYS A 173 -6.07 16.99 3.65
CA LYS A 173 -6.63 16.92 2.31
C LYS A 173 -6.37 18.15 1.44
N ILE A 174 -5.89 19.24 2.05
CA ILE A 174 -5.58 20.43 1.28
C ILE A 174 -4.16 20.33 0.75
N SER A 175 -3.17 20.69 1.57
CA SER A 175 -1.77 20.61 1.17
C SER A 175 -1.52 19.38 0.33
N SER A 176 -2.03 18.24 0.79
CA SER A 176 -1.89 16.97 0.08
C SER A 176 -2.21 17.21 -1.39
N THR A 177 -3.43 17.63 -1.65
CA THR A 177 -3.87 17.90 -3.01
C THR A 177 -2.98 18.94 -3.70
N ILE A 178 -2.77 20.10 -3.07
CA ILE A 178 -1.92 21.11 -3.69
C ILE A 178 -0.56 20.51 -4.03
N VAL A 179 0.10 19.89 -3.06
CA VAL A 179 1.40 19.30 -3.30
C VAL A 179 1.31 18.37 -4.52
N ALA A 180 0.26 17.57 -4.58
CA ALA A 180 0.06 16.66 -5.69
C ALA A 180 -0.31 17.47 -6.93
N GLN A 181 -0.65 18.74 -6.74
CA GLN A 181 -0.98 19.59 -7.86
C GLN A 181 0.34 19.93 -8.49
N SER A 182 1.39 19.89 -7.68
CA SER A 182 2.75 20.18 -8.14
C SER A 182 3.18 19.13 -9.13
N ALA A 183 3.19 17.87 -8.70
CA ALA A 183 3.59 16.76 -9.56
C ALA A 183 2.58 16.63 -10.68
N LYS A 184 1.91 17.74 -10.97
CA LYS A 184 0.92 17.86 -12.01
C LYS A 184 0.11 16.59 -12.20
N VAL A 185 -0.66 16.27 -11.16
CA VAL A 185 -1.54 15.11 -11.14
C VAL A 185 -2.95 15.66 -11.25
N PRO A 186 -3.61 15.47 -12.41
CA PRO A 186 -4.98 15.99 -12.54
C PRO A 186 -5.80 15.73 -11.28
N CYS A 187 -6.26 16.79 -10.63
CA CYS A 187 -7.04 16.64 -9.42
C CYS A 187 -8.47 17.10 -9.64
N ILE A 188 -9.33 16.73 -8.69
CA ILE A 188 -10.76 17.09 -8.73
C ILE A 188 -10.96 18.57 -8.38
N PRO A 189 -11.86 19.25 -9.11
CA PRO A 189 -12.14 20.68 -8.86
C PRO A 189 -12.49 21.03 -7.42
N TRP A 190 -11.78 22.02 -6.89
CA TRP A 190 -12.01 22.47 -5.52
C TRP A 190 -11.58 23.92 -5.42
N SER A 191 -11.35 24.39 -4.20
CA SER A 191 -10.91 25.76 -4.00
C SER A 191 -9.42 25.94 -4.35
N GLY A 192 -8.62 24.90 -4.13
CA GLY A 192 -7.20 24.98 -4.43
C GLY A 192 -6.79 24.70 -5.86
N THR A 193 -7.69 24.10 -6.63
CA THR A 193 -7.41 23.81 -8.02
C THR A 193 -6.59 24.95 -8.60
N GLY A 194 -5.48 24.61 -9.27
CA GLY A 194 -4.62 25.64 -9.83
C GLY A 194 -3.57 26.12 -8.84
N VAL A 195 -3.60 25.59 -7.63
CA VAL A 195 -2.63 25.95 -6.60
C VAL A 195 -1.69 24.77 -6.47
N ASP A 196 -0.46 24.97 -6.93
CA ASP A 196 0.51 23.90 -6.94
C ASP A 196 1.91 24.38 -6.60
N THR A 197 1.99 25.31 -5.66
CA THR A 197 3.28 25.81 -5.20
C THR A 197 3.63 25.01 -3.96
N VAL A 198 4.82 24.42 -3.95
CA VAL A 198 5.32 23.64 -2.82
C VAL A 198 6.84 23.76 -2.71
N HIS A 199 7.32 23.95 -1.48
CA HIS A 199 8.75 24.10 -1.24
C HIS A 199 9.36 22.84 -0.66
N VAL A 200 10.32 22.29 -1.39
CA VAL A 200 11.00 21.09 -0.95
C VAL A 200 12.21 21.52 -0.12
N ASP A 201 12.41 20.86 1.02
CA ASP A 201 13.53 21.17 1.90
C ASP A 201 14.80 20.48 1.41
N GLU A 202 15.53 21.18 0.53
CA GLU A 202 16.77 20.70 -0.07
C GLU A 202 17.52 19.64 0.74
N LYS A 203 17.75 19.93 2.01
CA LYS A 203 18.48 19.03 2.90
C LYS A 203 17.79 17.73 3.26
N THR A 204 16.54 17.85 3.68
CA THR A 204 15.71 16.74 4.15
C THR A 204 14.75 16.20 3.12
N GLY A 205 14.54 16.95 2.04
CA GLY A 205 13.60 16.51 1.03
C GLY A 205 12.18 16.59 1.55
N LEU A 206 12.01 17.15 2.75
CA LEU A 206 10.70 17.29 3.37
C LEU A 206 9.87 18.33 2.60
N VAL A 207 8.69 17.92 2.13
CA VAL A 207 7.81 18.78 1.36
C VAL A 207 6.69 19.36 2.23
N SER A 208 6.55 20.69 2.20
CA SER A 208 5.50 21.38 2.95
C SER A 208 4.97 22.49 2.06
N VAL A 209 3.78 22.96 2.41
CA VAL A 209 3.13 24.04 1.69
C VAL A 209 3.12 25.20 2.69
N ASP A 210 3.51 26.38 2.22
CA ASP A 210 3.56 27.58 3.06
C ASP A 210 2.20 28.26 3.09
N ASP A 211 1.77 28.56 4.31
CA ASP A 211 0.49 29.21 4.59
C ASP A 211 -0.24 29.90 3.41
N ASP A 212 0.31 31.02 2.94
CA ASP A 212 -0.29 31.78 1.85
C ASP A 212 -0.80 30.91 0.69
N ILE A 213 -0.21 29.72 0.54
CA ILE A 213 -0.62 28.79 -0.50
C ILE A 213 -1.81 27.98 0.01
N TYR A 214 -1.75 27.59 1.29
CA TYR A 214 -2.82 26.82 1.92
C TYR A 214 -4.00 27.74 2.25
N GLN A 215 -3.81 29.03 2.06
CA GLN A 215 -4.88 29.98 2.31
C GLN A 215 -5.43 30.40 0.97
N LYS A 216 -4.69 30.07 -0.08
CA LYS A 216 -5.08 30.38 -1.44
C LYS A 216 -6.10 29.32 -1.82
N GLY A 217 -6.14 28.25 -1.03
CA GLY A 217 -7.07 27.18 -1.29
C GLY A 217 -7.99 26.84 -0.14
N CYS A 218 -8.55 27.87 0.50
CA CYS A 218 -9.46 27.66 1.62
C CYS A 218 -10.62 28.65 1.51
N CYS A 219 -11.62 28.51 2.39
CA CYS A 219 -12.75 29.43 2.39
C CYS A 219 -12.68 30.23 3.69
N THR A 220 -12.17 31.45 3.58
CA THR A 220 -12.05 32.33 4.74
C THR A 220 -13.43 32.59 5.35
N SER A 221 -14.49 32.43 4.57
CA SER A 221 -15.86 32.65 5.05
C SER A 221 -16.84 31.73 4.35
N PRO A 222 -18.10 31.70 4.79
CA PRO A 222 -19.16 30.85 4.20
C PRO A 222 -19.68 31.42 2.87
N GLU A 223 -19.48 32.71 2.70
CA GLU A 223 -19.89 33.42 1.50
C GLU A 223 -18.70 33.35 0.56
N ASP A 224 -17.53 33.35 1.18
CA ASP A 224 -16.26 33.28 0.45
C ASP A 224 -16.20 31.97 -0.30
N GLY A 225 -16.53 30.87 0.37
CA GLY A 225 -16.49 29.58 -0.27
C GLY A 225 -17.72 29.36 -1.14
N LEU A 226 -18.88 29.83 -0.69
CA LEU A 226 -20.09 29.68 -1.46
C LEU A 226 -19.80 30.09 -2.89
N GLN A 227 -19.02 31.17 -3.02
CA GLN A 227 -18.64 31.70 -4.32
C GLN A 227 -17.75 30.73 -5.10
N LYS A 228 -17.01 29.89 -4.40
CA LYS A 228 -16.17 28.92 -5.05
C LYS A 228 -17.07 27.92 -5.76
N ALA A 229 -18.07 27.43 -5.01
CA ALA A 229 -19.02 26.44 -5.52
C ALA A 229 -19.65 26.79 -6.86
N LYS A 230 -20.18 28.01 -6.97
CA LYS A 230 -20.78 28.42 -8.23
C LYS A 230 -19.71 28.27 -9.31
N ARG A 231 -18.56 28.90 -9.08
CA ARG A 231 -17.44 28.85 -10.00
C ARG A 231 -17.11 27.40 -10.32
N ILE A 232 -17.41 26.52 -9.36
CA ILE A 232 -17.17 25.10 -9.51
C ILE A 232 -18.26 24.43 -10.33
N GLY A 233 -19.27 23.92 -9.64
CA GLY A 233 -20.37 23.24 -10.31
C GLY A 233 -21.00 22.17 -9.44
N PHE A 234 -22.05 22.54 -8.72
CA PHE A 234 -22.76 21.62 -7.84
C PHE A 234 -23.09 20.30 -8.50
N PRO A 235 -23.22 19.22 -7.69
CA PRO A 235 -23.07 19.29 -6.23
C PRO A 235 -21.60 19.38 -5.83
N VAL A 236 -21.35 19.80 -4.59
CA VAL A 236 -20.00 19.93 -4.09
C VAL A 236 -19.94 19.35 -2.68
N MET A 237 -18.73 19.03 -2.24
CA MET A 237 -18.53 18.47 -0.91
C MET A 237 -17.84 19.51 -0.04
N ILE A 238 -18.46 19.83 1.08
CA ILE A 238 -17.88 20.80 2.00
C ILE A 238 -17.06 20.00 3.01
N LYS A 239 -15.75 20.04 2.84
CA LYS A 239 -14.86 19.30 3.72
C LYS A 239 -13.92 20.28 4.40
N ALA A 240 -13.20 19.79 5.40
CA ALA A 240 -12.28 20.62 6.15
C ALA A 240 -11.05 19.83 6.57
N SER A 241 -10.07 19.78 5.67
CA SER A 241 -8.81 19.09 5.86
C SER A 241 -8.73 18.16 7.07
N GLU A 242 -8.70 18.70 8.29
CA GLU A 242 -8.62 17.86 9.46
C GLU A 242 -9.86 17.00 9.65
N GLY A 243 -10.56 16.72 8.53
CA GLY A 243 -11.76 15.90 8.58
C GLY A 243 -11.55 14.61 9.35
N GLY A 244 -12.34 14.41 10.41
CA GLY A 244 -12.22 13.22 11.21
C GLY A 244 -12.98 12.00 10.74
N GLY A 245 -12.35 11.20 9.88
CA GLY A 245 -12.99 10.00 9.36
C GLY A 245 -14.31 10.26 8.68
N GLY A 246 -15.29 10.70 9.45
CA GLY A 246 -16.61 11.00 8.92
C GLY A 246 -17.19 12.21 9.62
N LYS A 247 -16.37 13.25 9.77
CA LYS A 247 -16.76 14.49 10.42
C LYS A 247 -16.22 15.70 9.66
N GLY A 248 -17.05 16.72 9.50
CA GLY A 248 -16.61 17.91 8.79
C GLY A 248 -16.88 17.91 7.31
N ILE A 249 -18.00 17.32 6.89
CA ILE A 249 -18.34 17.27 5.48
C ILE A 249 -19.82 17.21 5.20
N ARG A 250 -20.24 17.91 4.16
CA ARG A 250 -21.62 17.93 3.75
C ARG A 250 -21.69 18.05 2.23
N GLN A 251 -22.59 17.31 1.61
CA GLN A 251 -22.74 17.40 0.17
C GLN A 251 -23.82 18.46 -0.05
N VAL A 252 -23.60 19.36 -1.00
CA VAL A 252 -24.57 20.42 -1.31
C VAL A 252 -24.96 20.37 -2.79
N GLU A 253 -26.00 19.61 -3.09
CA GLU A 253 -26.47 19.44 -4.47
C GLU A 253 -27.06 20.71 -5.07
N ARG A 254 -27.31 21.73 -4.26
CA ARG A 254 -27.89 22.99 -4.76
C ARG A 254 -27.79 24.18 -3.82
N GLU A 255 -27.36 25.32 -4.40
CA GLU A 255 -27.16 26.59 -3.68
C GLU A 255 -27.77 26.63 -2.31
N GLU A 256 -28.92 27.29 -2.20
CA GLU A 256 -29.68 27.46 -0.96
C GLU A 256 -29.16 26.73 0.28
N ASP A 257 -29.02 25.41 0.20
CA ASP A 257 -28.57 24.60 1.33
C ASP A 257 -27.09 24.76 1.69
N PHE A 258 -26.34 25.58 0.97
CA PHE A 258 -24.92 25.73 1.27
C PHE A 258 -24.65 26.40 2.61
N ILE A 259 -25.05 27.66 2.73
CA ILE A 259 -24.87 28.41 3.97
C ILE A 259 -25.25 27.50 5.13
N ALA A 260 -26.35 26.79 4.93
CA ALA A 260 -26.85 25.85 5.93
C ALA A 260 -25.84 24.74 6.23
N LEU A 261 -25.28 24.14 5.18
CA LEU A 261 -24.33 23.04 5.35
C LEU A 261 -22.91 23.46 5.74
N TYR A 262 -22.45 24.55 5.16
CA TYR A 262 -21.12 25.06 5.45
C TYR A 262 -20.86 24.99 6.96
N HIS A 263 -21.58 25.83 7.70
CA HIS A 263 -21.45 25.92 9.16
C HIS A 263 -21.60 24.56 9.84
N GLN A 264 -22.36 23.68 9.20
CA GLN A 264 -22.60 22.33 9.72
C GLN A 264 -21.32 21.60 10.09
N ALA A 265 -20.46 21.43 9.09
CA ALA A 265 -19.19 20.73 9.26
C ALA A 265 -18.19 21.58 10.05
N ALA A 266 -18.28 22.90 9.87
CA ALA A 266 -17.40 23.81 10.58
C ALA A 266 -17.68 23.68 12.07
N ASN A 267 -18.94 23.43 12.42
CA ASN A 267 -19.32 23.28 13.81
C ASN A 267 -18.75 22.00 14.42
N GLU A 268 -18.78 20.91 13.65
CA GLU A 268 -18.28 19.64 14.13
C GLU A 268 -16.81 19.76 14.50
N ILE A 269 -16.03 20.41 13.64
CA ILE A 269 -14.60 20.60 13.90
C ILE A 269 -14.24 22.08 13.74
N PRO A 270 -14.05 22.79 14.86
CA PRO A 270 -13.71 24.22 14.91
C PRO A 270 -12.23 24.52 14.66
N GLY A 271 -11.94 25.75 14.26
CA GLY A 271 -10.56 26.13 13.97
C GLY A 271 -10.00 25.26 12.85
N SER A 272 -10.92 24.58 12.17
CA SER A 272 -10.57 23.68 11.07
C SER A 272 -10.79 24.32 9.71
N PRO A 273 -9.69 24.59 8.99
CA PRO A 273 -9.71 25.21 7.66
C PRO A 273 -10.65 24.46 6.71
N ILE A 274 -11.56 25.19 6.07
CA ILE A 274 -12.51 24.58 5.15
C ILE A 274 -12.23 24.90 3.69
N PHE A 275 -12.44 23.92 2.83
CA PHE A 275 -12.28 24.11 1.40
C PHE A 275 -13.47 23.44 0.73
N ILE A 276 -13.75 23.85 -0.49
CA ILE A 276 -14.87 23.27 -1.22
C ILE A 276 -14.37 22.53 -2.47
N MET A 277 -14.70 21.26 -2.56
CA MET A 277 -14.32 20.45 -3.72
C MET A 277 -15.57 20.23 -4.57
N LYS A 278 -15.37 19.66 -5.77
CA LYS A 278 -16.46 19.38 -6.68
C LYS A 278 -16.87 17.92 -6.43
N LEU A 279 -18.15 17.72 -6.09
CA LEU A 279 -18.69 16.39 -5.78
C LEU A 279 -19.03 15.50 -6.99
N ALA A 280 -18.08 14.65 -7.37
CA ALA A 280 -18.25 13.74 -8.51
C ALA A 280 -19.33 12.67 -8.34
N GLY A 281 -19.68 12.02 -9.46
CA GLY A 281 -20.70 10.99 -9.47
C GLY A 281 -20.11 9.65 -9.91
N ARG A 282 -20.94 8.77 -10.48
CA ARG A 282 -20.45 7.46 -10.90
C ARG A 282 -19.22 7.42 -11.78
N ALA A 283 -18.08 7.41 -11.11
CA ALA A 283 -16.77 7.35 -11.76
C ALA A 283 -16.16 6.00 -11.43
N ARG A 284 -14.86 5.99 -11.16
CA ARG A 284 -14.14 4.76 -10.85
C ARG A 284 -13.04 5.01 -9.82
N HIS A 285 -12.66 3.95 -9.09
CA HIS A 285 -11.63 4.03 -8.05
C HIS A 285 -10.50 3.04 -8.29
N LEU A 286 -9.92 3.09 -9.48
CA LEU A 286 -8.83 2.20 -9.81
C LEU A 286 -7.77 2.41 -8.72
N GLU A 287 -6.58 1.85 -8.93
CA GLU A 287 -5.49 2.00 -7.97
C GLU A 287 -4.14 1.60 -8.54
N VAL A 288 -3.21 2.55 -8.48
CA VAL A 288 -1.87 2.39 -9.00
C VAL A 288 -0.85 1.87 -7.99
N GLN A 289 -0.13 0.83 -8.37
CA GLN A 289 0.89 0.22 -7.54
C GLN A 289 2.25 0.74 -8.02
N LEU A 290 2.93 1.48 -7.14
CA LEU A 290 4.20 2.08 -7.48
C LEU A 290 5.35 1.69 -6.55
N LEU A 291 6.49 1.34 -7.14
CA LEU A 291 7.66 0.96 -6.37
C LEU A 291 8.72 2.05 -6.51
N ALA A 292 9.72 2.00 -5.64
CA ALA A 292 10.78 3.00 -5.69
C ALA A 292 11.85 2.69 -4.64
N ASP A 293 13.11 2.96 -4.98
CA ASP A 293 14.18 2.70 -4.06
C ASP A 293 14.71 3.93 -3.36
N GLN A 294 15.79 3.72 -2.60
CA GLN A 294 16.40 4.79 -1.85
C GLN A 294 17.34 5.60 -2.73
N TYR A 295 16.95 5.77 -4.00
CA TYR A 295 17.74 6.54 -4.93
C TYR A 295 16.82 7.18 -5.96
N GLY A 296 15.79 7.88 -5.49
CA GLY A 296 14.86 8.53 -6.40
C GLY A 296 14.67 7.73 -7.67
N THR A 297 14.34 6.46 -7.50
CA THR A 297 14.13 5.60 -8.65
C THR A 297 12.77 4.96 -8.50
N ASN A 298 11.73 5.71 -8.84
CA ASN A 298 10.36 5.25 -8.73
C ASN A 298 9.93 4.52 -9.99
N ILE A 299 9.00 3.58 -9.83
CA ILE A 299 8.47 2.81 -10.96
C ILE A 299 7.12 2.28 -10.49
N SER A 300 6.31 1.79 -11.41
CA SER A 300 4.99 1.23 -11.06
C SER A 300 4.97 -0.26 -11.39
N LEU A 301 4.05 -0.97 -10.76
CA LEU A 301 3.88 -2.40 -10.96
C LEU A 301 2.47 -2.69 -11.40
N PHE A 302 1.99 -1.94 -12.40
CA PHE A 302 0.65 -2.09 -12.95
C PHE A 302 -0.39 -1.25 -12.19
N GLY A 303 -1.66 -1.62 -12.34
CA GLY A 303 -2.72 -0.88 -11.67
C GLY A 303 -3.78 -1.83 -11.15
N ARG A 304 -4.83 -1.29 -10.53
CA ARG A 304 -5.90 -2.11 -9.98
C ARG A 304 -7.26 -1.45 -10.06
N ASP A 305 -8.28 -2.23 -10.37
CA ASP A 305 -9.62 -1.67 -10.43
C ASP A 305 -10.31 -2.04 -9.12
N CYS A 306 -11.11 -1.13 -8.59
CA CYS A 306 -11.82 -1.38 -7.35
C CYS A 306 -12.86 -0.30 -7.18
N SER A 307 -13.54 0.02 -8.29
CA SER A 307 -14.59 1.03 -8.29
C SER A 307 -15.90 0.36 -7.89
N VAL A 308 -15.81 -0.93 -7.59
CA VAL A 308 -16.96 -1.74 -7.16
C VAL A 308 -16.81 -1.86 -5.64
N GLN A 309 -17.44 -0.92 -4.94
CA GLN A 309 -17.35 -0.84 -3.49
C GLN A 309 -18.63 -1.05 -2.68
N ARG A 310 -18.47 -1.67 -1.51
CA ARG A 310 -19.58 -1.92 -0.59
C ARG A 310 -19.67 -0.74 0.37
N ARG A 311 -20.50 0.24 0.05
CA ARG A 311 -20.62 1.41 0.91
C ARG A 311 -19.19 1.89 1.13
N HIS A 312 -18.38 1.79 0.08
CA HIS A 312 -16.98 2.22 0.10
C HIS A 312 -16.01 1.14 0.57
N GLN A 313 -16.37 -0.13 0.37
CA GLN A 313 -15.53 -1.24 0.79
C GLN A 313 -15.01 -2.04 -0.39
N LYS A 314 -13.76 -2.47 -0.34
CA LYS A 314 -13.18 -3.26 -1.42
C LYS A 314 -13.61 -4.70 -1.30
N ILE A 315 -14.53 -5.12 -2.16
CA ILE A 315 -15.00 -6.49 -2.17
C ILE A 315 -14.35 -7.16 -3.34
N ILE A 316 -14.49 -6.53 -4.50
CA ILE A 316 -13.92 -7.08 -5.71
C ILE A 316 -12.92 -6.15 -6.36
N GLU A 317 -11.69 -6.63 -6.41
CA GLU A 317 -10.60 -5.90 -7.00
C GLU A 317 -9.86 -6.92 -7.86
N GLU A 318 -9.85 -6.67 -9.16
CA GLU A 318 -9.16 -7.55 -10.09
C GLU A 318 -7.97 -6.75 -10.57
N ALA A 319 -6.95 -7.44 -11.08
CA ALA A 319 -5.75 -6.77 -11.59
C ALA A 319 -5.01 -7.74 -12.48
N PRO A 320 -4.32 -7.23 -13.51
CA PRO A 320 -4.20 -5.81 -13.88
C PRO A 320 -5.50 -5.14 -14.33
N VAL A 321 -5.40 -3.85 -14.62
CA VAL A 321 -6.55 -3.05 -15.06
C VAL A 321 -6.68 -3.01 -16.59
N THR A 322 -7.91 -3.08 -17.07
CA THR A 322 -8.20 -3.02 -18.50
C THR A 322 -9.23 -1.93 -18.78
N ILE A 323 -9.62 -1.23 -17.72
CA ILE A 323 -10.62 -0.16 -17.81
C ILE A 323 -10.30 1.03 -18.69
N ALA A 324 -9.31 1.82 -18.31
CA ALA A 324 -8.98 2.98 -19.09
C ALA A 324 -8.08 2.63 -20.25
N LYS A 325 -8.06 3.50 -21.25
CA LYS A 325 -7.22 3.32 -22.44
C LYS A 325 -5.83 3.00 -21.93
N ALA A 326 -5.09 2.24 -22.71
CA ALA A 326 -3.74 1.85 -22.32
C ALA A 326 -2.82 3.03 -22.04
N GLU A 327 -2.79 4.01 -22.94
CA GLU A 327 -1.94 5.17 -22.78
C GLU A 327 -2.52 6.12 -21.74
N THR A 328 -3.84 6.05 -21.62
CA THR A 328 -4.51 6.86 -20.66
C THR A 328 -4.13 6.29 -19.31
N PHE A 329 -3.93 4.97 -19.27
CA PHE A 329 -3.55 4.31 -18.02
C PHE A 329 -2.07 4.52 -17.82
N HIS A 330 -1.33 4.49 -18.91
CA HIS A 330 0.10 4.70 -18.90
C HIS A 330 0.39 6.06 -18.28
N GLU A 331 -0.36 7.07 -18.73
CA GLU A 331 -0.25 8.45 -18.24
C GLU A 331 -0.32 8.58 -16.72
N MET A 332 -1.26 7.87 -16.11
CA MET A 332 -1.43 7.90 -14.66
C MET A 332 -0.24 7.28 -13.92
N GLU A 333 0.40 6.32 -14.57
CA GLU A 333 1.55 5.62 -14.01
C GLU A 333 2.75 6.53 -13.78
N LYS A 334 3.19 7.19 -14.84
CA LYS A 334 4.32 8.10 -14.77
C LYS A 334 3.83 9.26 -13.92
N ALA A 335 2.49 9.37 -13.87
CA ALA A 335 1.83 10.41 -13.08
C ALA A 335 2.09 10.10 -11.62
N ALA A 336 1.96 8.82 -11.29
CA ALA A 336 2.18 8.35 -9.92
C ALA A 336 3.66 8.48 -9.55
N VAL A 337 4.54 8.16 -10.49
CA VAL A 337 5.97 8.26 -10.25
C VAL A 337 6.34 9.75 -10.19
N ARG A 338 5.60 10.56 -10.95
CA ARG A 338 5.81 12.00 -10.99
C ARG A 338 5.67 12.62 -9.60
N LEU A 339 5.10 11.85 -8.67
CA LEU A 339 4.87 12.29 -7.28
C LEU A 339 5.69 11.55 -6.22
N GLY A 340 6.09 10.32 -6.53
CA GLY A 340 6.88 9.53 -5.60
C GLY A 340 8.24 10.15 -5.47
N LYS A 341 8.76 10.64 -6.58
CA LYS A 341 10.04 11.29 -6.50
C LYS A 341 9.80 12.48 -5.58
N LEU A 342 8.75 13.26 -5.88
CA LEU A 342 8.39 14.43 -5.09
C LEU A 342 8.59 14.19 -3.59
N VAL A 343 7.67 13.43 -2.97
CA VAL A 343 7.82 13.13 -1.55
C VAL A 343 9.07 12.32 -1.27
N GLY A 344 9.76 11.91 -2.32
CA GLY A 344 10.94 11.10 -2.09
C GLY A 344 10.44 9.82 -1.46
N TYR A 345 9.33 9.32 -1.97
CA TYR A 345 8.76 8.09 -1.46
C TYR A 345 9.74 6.92 -1.62
N VAL A 346 9.58 5.90 -0.78
CA VAL A 346 10.46 4.74 -0.85
C VAL A 346 9.67 3.44 -0.65
N SER A 347 10.32 2.31 -0.90
CA SER A 347 9.71 0.98 -0.76
C SER A 347 8.52 0.84 -1.69
N ALA A 348 7.36 0.56 -1.09
CA ALA A 348 6.15 0.37 -1.87
C ALA A 348 4.94 1.14 -1.32
N GLY A 349 4.18 1.72 -2.25
CA GLY A 349 2.98 2.47 -1.88
C GLY A 349 1.98 2.47 -3.01
N THR A 350 0.70 2.27 -2.67
CA THR A 350 -0.34 2.25 -3.70
C THR A 350 -1.21 3.48 -3.74
N VAL A 351 -1.10 4.22 -4.85
CA VAL A 351 -1.84 5.46 -5.09
C VAL A 351 -3.18 5.24 -5.81
N GLU A 352 -4.29 5.62 -5.16
CA GLU A 352 -5.62 5.46 -5.76
C GLU A 352 -6.07 6.64 -6.62
N TYR A 353 -6.99 6.37 -7.55
CA TYR A 353 -7.49 7.40 -8.47
C TYR A 353 -8.98 7.27 -8.74
N LEU A 354 -9.58 8.41 -9.10
CA LEU A 354 -10.99 8.51 -9.44
C LEU A 354 -11.05 8.47 -10.98
N TYR A 355 -11.67 7.44 -11.56
CA TYR A 355 -11.73 7.35 -13.02
C TYR A 355 -13.10 7.48 -13.63
N SER A 356 -13.20 8.34 -14.63
CA SER A 356 -14.47 8.57 -15.30
C SER A 356 -14.25 8.23 -16.77
N HIS A 357 -14.91 7.18 -17.25
CA HIS A 357 -14.74 6.79 -18.65
C HIS A 357 -15.57 7.64 -19.59
N ASP A 358 -16.55 8.36 -19.04
CA ASP A 358 -17.40 9.24 -19.84
C ASP A 358 -16.48 10.20 -20.58
N ASP A 359 -15.51 10.73 -19.84
CA ASP A 359 -14.54 11.68 -20.36
C ASP A 359 -13.18 11.02 -20.59
N GLY A 360 -12.89 9.95 -19.85
CA GLY A 360 -11.61 9.27 -20.00
C GLY A 360 -10.61 9.80 -18.99
N LYS A 361 -10.87 11.01 -18.50
CA LYS A 361 -10.02 11.66 -17.52
C LYS A 361 -10.05 10.95 -16.16
N PHE A 362 -9.14 11.33 -15.27
CA PHE A 362 -9.03 10.72 -13.95
C PHE A 362 -8.38 11.70 -12.96
N TYR A 363 -8.73 11.56 -11.68
CA TYR A 363 -8.19 12.46 -10.64
C TYR A 363 -7.46 11.79 -9.48
N PHE A 364 -6.68 12.59 -8.76
CA PHE A 364 -5.90 12.14 -7.62
C PHE A 364 -6.70 12.16 -6.33
N LEU A 365 -6.92 10.98 -5.75
CA LEU A 365 -7.67 10.88 -4.50
C LEU A 365 -6.77 11.15 -3.30
N GLU A 366 -5.77 10.30 -3.12
CA GLU A 366 -4.83 10.41 -2.02
C GLU A 366 -3.69 9.42 -2.16
N LEU A 367 -2.60 9.63 -1.43
CA LEU A 367 -1.47 8.72 -1.49
C LEU A 367 -1.51 7.79 -0.28
N ASN A 368 -1.37 6.49 -0.52
CA ASN A 368 -1.41 5.49 0.54
C ASN A 368 0.00 4.94 0.83
N PRO A 369 0.85 5.74 1.48
CA PRO A 369 2.22 5.32 1.80
C PRO A 369 2.23 4.17 2.82
N ARG A 370 1.82 2.99 2.37
CA ARG A 370 1.76 1.81 3.23
C ARG A 370 1.33 0.58 2.40
N LEU A 371 2.08 -0.51 2.48
CA LEU A 371 1.78 -1.73 1.72
C LEU A 371 0.33 -2.17 1.98
N GLN A 372 -0.27 -2.84 1.00
CA GLN A 372 -1.67 -3.29 1.14
C GLN A 372 -1.86 -4.81 1.18
N VAL A 373 -2.90 -5.24 1.87
CA VAL A 373 -3.24 -6.66 2.01
C VAL A 373 -3.61 -7.25 0.65
N GLU A 374 -3.87 -6.38 -0.32
CA GLU A 374 -4.23 -6.84 -1.65
C GLU A 374 -3.12 -6.65 -2.68
N HIS A 375 -1.87 -6.84 -2.28
CA HIS A 375 -0.77 -6.73 -3.22
C HIS A 375 -0.57 -8.07 -3.94
N PRO A 376 -0.90 -9.19 -3.28
CA PRO A 376 -0.71 -10.47 -3.96
C PRO A 376 -1.05 -10.45 -5.45
N THR A 377 -2.08 -9.68 -5.81
CA THR A 377 -2.51 -9.59 -7.19
C THR A 377 -1.40 -9.02 -8.08
N THR A 378 -1.01 -7.79 -7.78
CA THR A 378 0.05 -7.13 -8.51
C THR A 378 1.34 -7.95 -8.46
N GLU A 379 1.41 -8.87 -7.50
CA GLU A 379 2.57 -9.74 -7.36
C GLU A 379 2.55 -10.93 -8.32
N MET A 380 1.36 -11.41 -8.65
CA MET A 380 1.20 -12.55 -9.57
C MET A 380 1.22 -12.12 -11.03
N VAL A 381 0.80 -10.89 -11.31
CA VAL A 381 0.77 -10.40 -12.68
C VAL A 381 2.10 -9.75 -13.10
N SER A 382 3.02 -9.67 -12.15
CA SER A 382 4.31 -9.09 -12.42
C SER A 382 5.39 -10.03 -11.95
N GLY A 383 5.10 -10.77 -10.90
CA GLY A 383 6.04 -11.71 -10.33
C GLY A 383 7.08 -11.02 -9.46
N VAL A 384 6.73 -9.86 -8.91
CA VAL A 384 7.69 -9.15 -8.07
C VAL A 384 7.43 -9.46 -6.61
N ASN A 385 8.25 -10.30 -6.01
CA ASN A 385 8.05 -10.63 -4.60
C ASN A 385 8.29 -9.32 -3.84
N LEU A 386 7.21 -8.62 -3.52
CA LEU A 386 7.31 -7.34 -2.82
C LEU A 386 7.91 -7.45 -1.43
N PRO A 387 7.56 -8.50 -0.68
CA PRO A 387 8.20 -8.54 0.64
C PRO A 387 9.67 -8.95 0.46
N ALA A 388 10.02 -9.26 -0.79
CA ALA A 388 11.39 -9.64 -1.12
C ALA A 388 11.98 -8.43 -1.81
N ALA A 389 11.10 -7.53 -2.23
CA ALA A 389 11.50 -6.28 -2.89
C ALA A 389 11.92 -5.31 -1.79
N GLN A 390 10.95 -4.51 -1.34
CA GLN A 390 11.14 -3.50 -0.27
C GLN A 390 12.24 -3.84 0.73
N LEU A 391 12.38 -5.14 0.99
CA LEU A 391 13.38 -5.65 1.92
C LEU A 391 14.82 -5.41 1.46
N GLN A 392 15.01 -5.39 0.14
CA GLN A 392 16.32 -5.17 -0.47
C GLN A 392 16.59 -3.70 -0.63
N ILE A 393 15.52 -2.93 -0.80
CA ILE A 393 15.68 -1.50 -0.96
C ILE A 393 16.01 -0.96 0.42
N ALA A 394 15.46 -1.57 1.46
CA ALA A 394 15.71 -1.12 2.82
C ALA A 394 17.18 -1.27 3.13
N MET A 395 17.78 -2.32 2.57
CA MET A 395 19.21 -2.59 2.76
C MET A 395 20.03 -1.71 1.80
N GLY A 396 19.34 -0.83 1.08
CA GLY A 396 20.00 0.10 0.17
C GLY A 396 20.47 -0.42 -1.18
N ILE A 397 19.77 -1.42 -1.71
CA ILE A 397 20.11 -1.99 -3.01
C ILE A 397 19.19 -1.40 -4.08
N PRO A 398 19.78 -0.91 -5.18
CA PRO A 398 19.01 -0.31 -6.29
C PRO A 398 17.90 -1.20 -6.83
N MET A 399 17.07 -0.66 -7.72
CA MET A 399 15.98 -1.40 -8.30
C MET A 399 16.48 -2.39 -9.38
N HIS A 400 17.46 -1.96 -10.17
CA HIS A 400 18.02 -2.80 -11.22
C HIS A 400 18.76 -3.99 -10.62
N ARG A 401 19.25 -3.83 -9.40
CA ARG A 401 19.95 -4.91 -8.74
C ARG A 401 18.92 -5.72 -7.99
N ILE A 402 17.74 -5.86 -8.59
CA ILE A 402 16.65 -6.60 -7.98
C ILE A 402 16.12 -7.71 -8.89
N SER A 403 16.56 -8.94 -8.59
CA SER A 403 16.21 -10.14 -9.35
C SER A 403 14.94 -10.05 -10.15
N ASP A 404 13.84 -9.87 -9.43
CA ASP A 404 12.55 -9.80 -10.09
C ASP A 404 12.39 -8.57 -10.98
N ILE A 405 13.02 -7.46 -10.59
CA ILE A 405 12.93 -6.24 -11.38
C ILE A 405 13.35 -6.53 -12.82
N ARG A 406 14.63 -6.77 -13.05
CA ARG A 406 15.10 -7.05 -14.39
C ARG A 406 14.15 -8.03 -15.09
N THR A 407 13.88 -9.17 -14.44
CA THR A 407 12.98 -10.16 -15.02
C THR A 407 11.78 -9.49 -15.65
N LEU A 408 11.12 -8.63 -14.87
CA LEU A 408 9.95 -7.91 -15.32
C LEU A 408 10.18 -7.18 -16.64
N TYR A 409 11.32 -6.48 -16.72
CA TYR A 409 11.68 -5.70 -17.89
C TYR A 409 12.55 -6.40 -18.96
N GLY A 410 12.92 -7.65 -18.75
CA GLY A 410 13.74 -8.36 -19.73
C GLY A 410 15.25 -8.19 -19.62
N MET A 411 15.82 -8.57 -18.48
CA MET A 411 17.26 -8.45 -18.30
C MET A 411 17.84 -9.68 -17.61
N ASN A 412 19.01 -10.12 -18.07
CA ASN A 412 19.68 -11.26 -17.47
C ASN A 412 19.67 -11.04 -15.97
N PRO A 413 18.74 -11.70 -15.26
CA PRO A 413 18.61 -11.57 -13.80
C PRO A 413 19.90 -11.38 -12.99
N HIS A 414 20.96 -12.08 -13.38
CA HIS A 414 22.23 -12.00 -12.67
C HIS A 414 23.05 -10.75 -13.01
N SER A 415 22.71 -10.08 -14.10
CA SER A 415 23.42 -8.90 -14.57
C SER A 415 23.38 -7.69 -13.63
N ALA A 416 24.44 -6.90 -13.66
CA ALA A 416 24.56 -5.73 -12.80
C ALA A 416 24.57 -4.38 -13.52
N SER A 417 23.97 -4.31 -14.69
CA SER A 417 23.92 -3.07 -15.45
C SER A 417 22.72 -2.26 -14.99
N GLU A 418 22.61 -1.03 -15.49
CA GLU A 418 21.50 -0.13 -15.14
C GLU A 418 20.30 -0.33 -16.06
N ILE A 419 19.20 0.34 -15.76
CA ILE A 419 18.01 0.22 -16.61
C ILE A 419 17.31 1.54 -16.87
N ASP A 420 17.13 1.82 -18.16
CA ASP A 420 16.46 3.03 -18.62
C ASP A 420 14.97 2.82 -18.37
N PHE A 421 14.60 2.64 -17.11
CA PHE A 421 13.22 2.42 -16.70
C PHE A 421 12.18 3.31 -17.38
N GLU A 422 12.60 4.54 -17.70
CA GLU A 422 11.74 5.49 -18.33
C GLU A 422 11.61 5.24 -19.83
N PHE A 423 12.46 4.35 -20.34
CA PHE A 423 12.45 4.00 -21.76
C PHE A 423 12.71 5.25 -22.61
N LYS A 424 13.58 6.14 -22.11
CA LYS A 424 13.91 7.41 -22.76
C LYS A 424 14.89 7.47 -23.96
N THR A 425 15.65 6.41 -24.23
CA THR A 425 16.59 6.49 -25.37
C THR A 425 16.64 5.24 -26.24
N GLN A 426 16.71 5.44 -27.56
CA GLN A 426 16.77 4.33 -28.51
C GLN A 426 17.57 3.17 -27.90
N ASP A 427 18.69 3.50 -27.28
CA ASP A 427 19.53 2.50 -26.62
C ASP A 427 18.88 2.16 -25.28
N ALA A 428 17.60 1.75 -25.35
CA ALA A 428 16.85 1.42 -24.15
C ALA A 428 16.09 0.11 -24.28
N THR A 429 15.78 -0.30 -25.51
CA THR A 429 15.03 -1.54 -25.73
C THR A 429 15.79 -2.55 -26.56
N LYS A 430 17.09 -2.64 -26.35
CA LYS A 430 17.90 -3.61 -27.06
C LYS A 430 18.14 -4.64 -25.98
N LYS A 431 18.24 -4.13 -24.75
CA LYS A 431 18.47 -4.96 -23.57
C LYS A 431 17.14 -5.21 -22.84
N GLN A 432 16.43 -4.14 -22.56
CA GLN A 432 15.15 -4.18 -21.85
C GLN A 432 13.99 -4.74 -22.67
N ARG A 433 12.81 -4.72 -22.08
CA ARG A 433 11.56 -5.19 -22.67
C ARG A 433 10.39 -4.71 -21.79
N ARG A 434 9.65 -3.70 -22.24
CA ARG A 434 8.52 -3.17 -21.45
C ARG A 434 7.80 -4.27 -20.64
N PRO A 435 7.42 -3.96 -19.39
CA PRO A 435 6.72 -4.94 -18.56
C PRO A 435 5.47 -5.45 -19.25
N ILE A 436 4.57 -6.04 -18.45
CA ILE A 436 3.30 -6.58 -18.92
C ILE A 436 2.80 -7.70 -18.01
N PRO A 437 1.56 -7.57 -17.51
CA PRO A 437 0.97 -8.58 -16.63
C PRO A 437 1.00 -9.97 -17.29
N LYS A 438 0.93 -11.00 -16.47
CA LYS A 438 0.92 -12.36 -16.97
C LYS A 438 -0.31 -12.93 -16.35
N GLY A 439 -1.37 -13.01 -17.14
CA GLY A 439 -2.62 -13.51 -16.64
C GLY A 439 -3.29 -12.45 -15.80
N HIS A 440 -4.50 -12.75 -15.36
CA HIS A 440 -5.26 -11.81 -14.55
C HIS A 440 -5.43 -12.37 -13.15
N CYS A 441 -5.82 -11.50 -12.22
CA CYS A 441 -6.04 -11.90 -10.85
C CYS A 441 -7.13 -11.02 -10.29
N THR A 442 -8.13 -11.67 -9.70
CA THR A 442 -9.26 -10.98 -9.11
C THR A 442 -9.42 -11.48 -7.69
N ALA A 443 -9.08 -10.63 -6.72
CA ALA A 443 -9.21 -11.01 -5.33
C ALA A 443 -10.69 -11.21 -5.03
N CYS A 444 -11.06 -11.13 -3.76
CA CYS A 444 -12.45 -11.29 -3.33
C CYS A 444 -12.56 -11.30 -1.81
N ARG A 445 -13.14 -10.24 -1.26
CA ARG A 445 -13.31 -10.08 0.18
C ARG A 445 -14.44 -10.96 0.68
N ILE A 446 -14.06 -12.08 1.30
CA ILE A 446 -15.05 -13.00 1.83
C ILE A 446 -15.25 -12.85 3.33
N THR A 447 -16.48 -13.12 3.80
CA THR A 447 -16.81 -13.00 5.22
C THR A 447 -17.80 -14.06 5.70
N SER A 448 -17.39 -14.84 6.69
CA SER A 448 -18.23 -15.89 7.26
C SER A 448 -18.37 -15.63 8.76
N GLU A 449 -19.00 -16.56 9.49
CA GLU A 449 -19.20 -16.41 10.94
C GLU A 449 -18.95 -17.66 11.75
N ASP A 450 -17.98 -17.58 12.66
CA ASP A 450 -17.62 -18.67 13.54
C ASP A 450 -17.34 -18.00 14.90
N PRO A 451 -18.40 -17.53 15.58
CA PRO A 451 -18.40 -16.84 16.87
C PRO A 451 -17.40 -17.28 17.93
N ASN A 452 -17.50 -16.68 19.11
CA ASN A 452 -16.61 -16.97 20.22
C ASN A 452 -17.42 -17.34 21.46
N ASP A 453 -18.46 -18.14 21.27
CA ASP A 453 -19.34 -18.55 22.37
C ASP A 453 -18.65 -19.28 23.52
N GLY A 454 -17.97 -20.39 23.22
CA GLY A 454 -17.31 -21.14 24.28
C GLY A 454 -16.37 -22.25 23.87
N PHE A 455 -16.75 -23.02 22.86
CA PHE A 455 -15.92 -24.13 22.39
C PHE A 455 -14.56 -23.58 21.93
N LYS A 456 -13.58 -24.47 21.77
CA LYS A 456 -12.25 -24.06 21.34
C LYS A 456 -11.96 -24.39 19.86
N PRO A 457 -12.01 -23.36 18.98
CA PRO A 457 -11.79 -23.45 17.54
C PRO A 457 -10.51 -24.16 17.13
N SER A 458 -10.43 -24.49 15.85
CA SER A 458 -9.28 -25.15 15.28
C SER A 458 -8.06 -24.31 15.58
N GLY A 459 -6.97 -24.95 15.98
CA GLY A 459 -5.75 -24.23 16.33
C GLY A 459 -5.17 -23.30 15.28
N GLY A 460 -5.26 -21.99 15.52
CA GLY A 460 -4.70 -21.04 14.59
C GLY A 460 -5.67 -19.96 14.13
N THR A 461 -5.12 -18.88 13.59
CA THR A 461 -5.93 -17.78 13.09
C THR A 461 -5.55 -17.52 11.63
N LEU A 462 -5.33 -18.60 10.89
CA LEU A 462 -4.98 -18.52 9.46
C LEU A 462 -5.26 -19.81 8.73
N HIS A 463 -6.51 -19.99 8.33
CA HIS A 463 -6.92 -21.19 7.64
C HIS A 463 -6.78 -20.95 6.14
N GLU A 464 -5.84 -21.64 5.50
CA GLU A 464 -5.66 -21.48 4.07
C GLU A 464 -6.78 -22.22 3.37
N LEU A 465 -7.46 -21.58 2.43
CA LEU A 465 -8.55 -22.24 1.73
C LEU A 465 -8.05 -23.19 0.66
N ASN A 466 -7.71 -24.40 1.07
CA ASN A 466 -7.23 -25.41 0.13
C ASN A 466 -8.36 -26.00 -0.70
N PHE A 467 -8.63 -25.36 -1.83
CA PHE A 467 -9.67 -25.81 -2.74
C PHE A 467 -9.22 -27.10 -3.43
N ARG A 468 -10.15 -27.83 -4.01
CA ARG A 468 -9.80 -29.08 -4.67
C ARG A 468 -10.10 -29.10 -6.17
N SER A 469 -11.06 -28.30 -6.61
CA SER A 469 -11.41 -28.24 -8.03
C SER A 469 -10.91 -27.00 -8.75
N SER A 470 -9.86 -26.38 -8.22
CA SER A 470 -9.30 -25.17 -8.84
C SER A 470 -7.77 -25.13 -8.66
N SER A 471 -7.03 -25.21 -9.78
CA SER A 471 -5.57 -25.20 -9.73
C SER A 471 -5.01 -23.80 -9.55
N ASN A 472 -5.69 -22.83 -10.13
CA ASN A 472 -5.25 -21.43 -10.11
C ASN A 472 -5.77 -20.53 -9.00
N VAL A 473 -6.22 -21.07 -7.87
CA VAL A 473 -6.79 -20.19 -6.84
C VAL A 473 -6.37 -20.41 -5.39
N TRP A 474 -5.97 -19.32 -4.74
CA TRP A 474 -5.58 -19.35 -3.33
C TRP A 474 -6.50 -18.43 -2.53
N GLY A 475 -6.79 -18.80 -1.29
CA GLY A 475 -7.64 -17.98 -0.46
C GLY A 475 -7.28 -18.11 1.01
N TYR A 476 -8.23 -17.82 1.90
CA TYR A 476 -8.03 -17.91 3.35
C TYR A 476 -9.03 -17.12 4.20
N PHE A 477 -9.12 -17.51 5.47
CA PHE A 477 -9.98 -16.83 6.42
C PHE A 477 -9.08 -16.50 7.61
N SER A 478 -9.19 -15.29 8.11
CA SER A 478 -8.36 -14.86 9.21
C SER A 478 -9.10 -14.47 10.50
N VAL A 479 -8.90 -15.26 11.56
CA VAL A 479 -9.55 -14.93 12.81
C VAL A 479 -9.12 -13.51 13.14
N GLY A 480 -10.08 -12.60 13.11
CA GLY A 480 -9.81 -11.19 13.38
C GLY A 480 -9.18 -10.98 14.74
N ASN A 481 -7.90 -10.64 14.74
CA ASN A 481 -7.19 -10.40 15.98
C ASN A 481 -6.61 -9.00 16.01
N ASN A 482 -6.56 -8.43 17.20
CA ASN A 482 -6.02 -7.09 17.39
C ASN A 482 -6.30 -6.11 16.25
N GLY A 483 -7.57 -5.98 15.88
CA GLY A 483 -7.92 -5.06 14.80
C GLY A 483 -7.55 -3.64 15.19
N ASN A 484 -8.42 -3.02 15.98
CA ASN A 484 -8.22 -1.64 16.45
C ASN A 484 -9.45 -1.30 17.28
N ILE A 485 -10.57 -1.89 16.86
CA ILE A 485 -11.86 -1.72 17.49
C ILE A 485 -12.23 -3.08 18.02
N HIS A 486 -11.61 -4.11 17.45
CA HIS A 486 -11.89 -5.47 17.82
C HIS A 486 -10.66 -6.24 18.22
N SER A 487 -10.46 -6.40 19.52
CA SER A 487 -9.33 -7.16 20.02
C SER A 487 -9.46 -8.55 19.40
N PHE A 488 -10.63 -8.78 18.80
CA PHE A 488 -10.98 -10.01 18.13
C PHE A 488 -12.40 -9.93 17.58
N SER A 489 -12.54 -10.14 16.27
CA SER A 489 -13.85 -10.10 15.60
C SER A 489 -14.56 -11.43 15.80
N ASP A 490 -15.89 -11.40 15.92
CA ASP A 490 -16.69 -12.60 16.11
C ASP A 490 -16.35 -13.58 15.02
N SER A 491 -16.42 -13.09 13.79
CA SER A 491 -16.12 -13.88 12.61
C SER A 491 -14.70 -13.56 12.16
N GLN A 492 -14.39 -13.86 10.91
CA GLN A 492 -13.05 -13.60 10.38
C GLN A 492 -13.16 -12.73 9.13
N PHE A 493 -12.02 -12.43 8.54
CA PHE A 493 -11.99 -11.60 7.33
C PHE A 493 -10.76 -11.89 6.46
N GLY A 494 -10.83 -13.00 5.74
CA GLY A 494 -9.75 -13.39 4.86
C GLY A 494 -10.02 -13.02 3.42
N HIS A 495 -8.97 -12.98 2.62
CA HIS A 495 -9.12 -12.66 1.21
C HIS A 495 -9.05 -13.94 0.38
N ILE A 496 -9.36 -13.80 -0.90
CA ILE A 496 -9.31 -14.92 -1.83
C ILE A 496 -8.72 -14.39 -3.14
N PHE A 497 -7.88 -15.19 -3.77
CA PHE A 497 -7.23 -14.82 -5.03
C PHE A 497 -7.47 -15.85 -6.13
N ALA A 498 -7.77 -15.35 -7.32
CA ALA A 498 -8.02 -16.17 -8.48
C ALA A 498 -7.19 -15.64 -9.64
N PHE A 499 -6.73 -16.53 -10.51
CA PHE A 499 -5.90 -16.13 -11.63
C PHE A 499 -6.22 -16.90 -12.92
N GLY A 500 -5.88 -16.30 -14.06
CA GLY A 500 -6.12 -16.94 -15.35
C GLY A 500 -5.43 -16.26 -16.52
N GLU A 501 -5.62 -16.77 -17.73
CA GLU A 501 -5.02 -16.18 -18.94
C GLU A 501 -5.48 -14.74 -19.13
N ASN A 502 -6.79 -14.58 -19.25
CA ASN A 502 -7.38 -13.25 -19.41
C ASN A 502 -8.26 -12.86 -18.22
N ARG A 503 -8.94 -11.72 -18.35
CA ARG A 503 -9.81 -11.23 -17.30
C ARG A 503 -11.00 -12.16 -17.17
N GLN A 504 -11.76 -12.27 -18.26
CA GLN A 504 -12.93 -13.13 -18.29
C GLN A 504 -12.61 -14.46 -17.59
N ALA A 505 -11.65 -15.18 -18.15
CA ALA A 505 -11.23 -16.48 -17.62
C ALA A 505 -10.90 -16.45 -16.14
N SER A 506 -10.16 -15.43 -15.72
CA SER A 506 -9.79 -15.30 -14.31
C SER A 506 -11.04 -15.34 -13.47
N ARG A 507 -12.09 -14.69 -13.97
CA ARG A 507 -13.37 -14.66 -13.30
C ARG A 507 -13.83 -16.09 -13.15
N LYS A 508 -13.92 -16.77 -14.29
CA LYS A 508 -14.34 -18.16 -14.33
C LYS A 508 -13.77 -18.91 -13.16
N HIS A 509 -12.47 -19.09 -13.18
CA HIS A 509 -11.77 -19.80 -12.14
C HIS A 509 -12.03 -19.20 -10.77
N MET A 510 -12.37 -17.91 -10.75
CA MET A 510 -12.70 -17.25 -9.49
C MET A 510 -14.02 -17.82 -9.00
N VAL A 511 -15.11 -17.53 -9.72
CA VAL A 511 -16.43 -18.03 -9.36
C VAL A 511 -16.35 -19.53 -9.08
N VAL A 512 -15.77 -20.24 -10.04
CA VAL A 512 -15.59 -21.68 -9.95
C VAL A 512 -15.08 -22.04 -8.56
N ALA A 513 -14.22 -21.18 -8.01
CA ALA A 513 -13.65 -21.40 -6.68
C ALA A 513 -14.68 -20.99 -5.62
N LEU A 514 -15.50 -20.01 -5.95
CA LEU A 514 -16.54 -19.55 -5.04
C LEU A 514 -17.61 -20.63 -4.96
N LYS A 515 -17.57 -21.56 -5.91
CA LYS A 515 -18.53 -22.64 -5.95
C LYS A 515 -18.15 -23.74 -4.97
N GLU A 516 -16.96 -24.28 -5.14
CA GLU A 516 -16.43 -25.35 -4.29
C GLU A 516 -16.50 -25.00 -2.81
N LEU A 517 -16.38 -23.72 -2.49
CA LEU A 517 -16.40 -23.28 -1.12
C LEU A 517 -17.81 -23.05 -0.57
N SER A 518 -18.81 -23.28 -1.41
CA SER A 518 -20.21 -23.08 -1.02
C SER A 518 -20.87 -24.40 -0.70
N ILE A 519 -20.05 -25.41 -0.47
CA ILE A 519 -20.53 -26.75 -0.16
C ILE A 519 -19.85 -27.22 1.12
N ARG A 520 -19.98 -26.42 2.18
CA ARG A 520 -19.34 -26.75 3.44
C ARG A 520 -20.23 -26.48 4.66
N GLY A 521 -20.42 -25.22 5.01
CA GLY A 521 -21.24 -24.88 6.16
C GLY A 521 -20.87 -23.55 6.80
N THR A 526 -23.03 -16.06 2.58
CA THR A 526 -21.59 -15.86 2.68
C THR A 526 -20.97 -15.40 1.35
N VAL A 527 -21.13 -16.20 0.29
CA VAL A 527 -20.59 -15.83 -1.03
C VAL A 527 -21.70 -15.81 -2.06
N GLU A 528 -22.91 -16.08 -1.61
CA GLU A 528 -24.09 -16.11 -2.45
C GLU A 528 -24.04 -14.96 -3.44
N TYR A 529 -24.17 -13.73 -2.94
CA TYR A 529 -24.17 -12.55 -3.80
C TYR A 529 -22.90 -12.43 -4.63
N LEU A 530 -21.85 -13.16 -4.23
CA LEU A 530 -20.59 -13.12 -4.96
C LEU A 530 -20.75 -13.74 -6.36
N ILE A 531 -20.82 -15.07 -6.44
CA ILE A 531 -21.01 -15.74 -7.73
C ILE A 531 -21.90 -14.77 -8.51
N LYS A 532 -23.03 -14.44 -7.89
CA LYS A 532 -24.01 -13.50 -8.44
C LYS A 532 -23.33 -12.34 -9.14
N LEU A 533 -22.76 -11.42 -8.36
CA LEU A 533 -22.09 -10.24 -8.90
C LEU A 533 -21.08 -10.56 -10.01
N LEU A 534 -20.38 -11.68 -9.91
CA LEU A 534 -19.42 -12.05 -10.96
C LEU A 534 -20.14 -12.57 -12.19
N GLU A 535 -21.24 -13.28 -11.99
CA GLU A 535 -22.03 -13.83 -13.10
C GLU A 535 -22.85 -12.78 -13.85
N THR A 536 -22.71 -11.51 -13.45
CA THR A 536 -23.43 -10.40 -14.10
C THR A 536 -22.49 -9.67 -15.03
N GLU A 537 -22.98 -9.34 -16.22
CA GLU A 537 -22.20 -8.65 -17.23
C GLU A 537 -21.73 -7.28 -16.75
N ASP A 538 -22.49 -6.65 -15.88
CA ASP A 538 -22.13 -5.33 -15.38
C ASP A 538 -20.75 -5.38 -14.71
N PHE A 539 -20.11 -6.53 -14.84
CA PHE A 539 -18.78 -6.77 -14.29
C PHE A 539 -18.04 -7.69 -15.24
N GLU A 540 -18.80 -8.34 -16.13
CA GLU A 540 -18.25 -9.27 -17.10
C GLU A 540 -17.55 -8.62 -18.30
N ASP A 541 -17.17 -7.35 -18.16
CA ASP A 541 -16.48 -6.62 -19.22
C ASP A 541 -15.67 -5.49 -18.61
N ASN A 542 -16.04 -5.12 -17.39
CA ASN A 542 -15.41 -4.03 -16.61
C ASN A 542 -16.00 -2.69 -17.07
N THR A 543 -17.27 -2.51 -16.77
CA THR A 543 -17.98 -1.29 -17.17
C THR A 543 -18.53 -0.52 -15.97
N ILE A 544 -19.11 -1.25 -15.04
CA ILE A 544 -19.71 -0.68 -13.85
C ILE A 544 -18.82 0.25 -13.04
N THR A 545 -19.31 1.47 -12.87
CA THR A 545 -18.64 2.53 -12.14
C THR A 545 -18.81 2.40 -10.63
N THR A 546 -19.20 3.52 -10.02
CA THR A 546 -19.40 3.60 -8.56
C THR A 546 -20.86 3.46 -8.10
N GLY A 547 -21.76 3.08 -8.99
CA GLY A 547 -23.16 2.94 -8.62
C GLY A 547 -23.67 1.52 -8.53
N TRP A 548 -23.57 0.79 -9.64
CA TRP A 548 -24.00 -0.61 -9.74
C TRP A 548 -24.24 -1.37 -8.44
N LEU A 549 -23.15 -1.77 -7.78
CA LEU A 549 -23.19 -2.54 -6.56
C LEU A 549 -24.15 -2.02 -5.50
N ASP A 550 -23.94 -0.79 -5.04
CA ASP A 550 -24.80 -0.18 -4.02
C ASP A 550 -26.20 0.02 -4.60
N ASP A 551 -26.24 0.51 -5.84
CA ASP A 551 -27.49 0.75 -6.54
C ASP A 551 -28.39 -0.46 -6.39
N LEU A 552 -27.78 -1.61 -6.21
CA LEU A 552 -28.50 -2.87 -6.05
C LEU A 552 -29.31 -2.98 -4.76
N ILE A 553 -28.69 -3.60 -3.76
CA ILE A 553 -29.33 -3.82 -2.47
C ILE A 553 -30.03 -2.56 -1.97
#